data_6RR2
#
_entry.id   6RR2
#
_cell.length_a   62.769
_cell.length_b   75.474
_cell.length_c   118.358
_cell.angle_alpha   90.000
_cell.angle_beta   90.000
_cell.angle_gamma   90.000
#
_symmetry.space_group_name_H-M   'I 2 2 2'
#
loop_
_entity.id
_entity.type
_entity.pdbx_description
1 polymer 'NAD kinase 1'
2 non-polymer 'CITRIC ACID'
3 non-polymer 9-[(2~{S})-oxan-2-yl]purin-6-amine
4 non-polymer "5'-DEOXY-5'-METHYLTHIOADENOSINE"
5 water water
#
_entity_poly.entity_id   1
_entity_poly.type   'polypeptide(L)'
_entity_poly.pdbx_seq_one_letter_code
;MKYMITSKGDEKSDLLRLNMIAGFGEYDMEYDDVEPEIVISIGGDGTFLSAFHQYEERLDEIAFIGIHTGHLGFYADWRP
AEADKLVKLLAKGEYQKVSYPLLKTTVKYGIGKKEATYLALNESTVKSSGGPFVVDVVINDIHFERFRGDGLCMSTPSGT
TAYNKSLGGALMHPSIEAMQLTEMASINNRVYRTIGSPLVFPKHHVVSLQPVNDKDFQISVDHLSILHRDVQEIRYEVSA
KKIHFARFRSFPFWRRVHDSFIEDLEHHHHHH
;
_entity_poly.pdbx_strand_id   A
#
loop_
_chem_comp.id
_chem_comp.type
_chem_comp.name
_chem_comp.formula
CIT non-polymer 'CITRIC ACID' 'C6 H8 O7'
KF5 non-polymer 9-[(2~{S})-oxan-2-yl]purin-6-amine 'C10 H13 N5 O'
MTA non-polymer 5'-DEOXY-5'-METHYLTHIOADENOSINE 'C11 H15 N5 O3 S'
#
# COMPACT_ATOMS: atom_id res chain seq x y z
N MET A 1 19.13 16.03 8.92
CA MET A 1 17.79 16.59 8.90
C MET A 1 16.98 16.09 10.09
N LYS A 2 15.68 16.40 10.08
CA LYS A 2 14.78 15.81 11.05
C LYS A 2 14.41 14.40 10.60
N TYR A 3 14.43 13.47 11.55
CA TYR A 3 14.12 12.08 11.27
C TYR A 3 13.32 11.51 12.43
N MET A 4 12.69 10.37 12.18
CA MET A 4 12.08 9.60 13.26
C MET A 4 12.20 8.12 12.90
N ILE A 5 12.08 7.29 13.92
CA ILE A 5 12.19 5.84 13.77
C ILE A 5 11.01 5.21 14.47
N THR A 6 10.21 4.45 13.72
CA THR A 6 9.15 3.65 14.29
C THR A 6 9.62 2.21 14.45
N SER A 7 9.12 1.54 15.47
CA SER A 7 9.57 0.18 15.78
C SER A 7 8.37 -0.75 15.89
N LYS A 8 8.56 -1.99 15.44
CA LYS A 8 7.57 -3.04 15.62
C LYS A 8 7.21 -3.23 17.10
N GLY A 9 8.18 -3.05 17.99
CA GLY A 9 7.93 -3.06 19.42
C GLY A 9 8.48 -4.25 20.17
N ASP A 10 9.02 -5.25 19.47
CA ASP A 10 9.71 -6.32 20.17
C ASP A 10 11.11 -5.87 20.55
N GLU A 11 11.77 -6.66 21.41
CA GLU A 11 13.11 -6.32 21.88
C GLU A 11 14.05 -6.01 20.72
N LYS A 12 14.08 -6.90 19.72
CA LYS A 12 15.02 -6.76 18.61
C LYS A 12 14.89 -5.42 17.92
N SER A 13 13.66 -5.00 17.64
CA SER A 13 13.44 -3.77 16.88
C SER A 13 13.65 -2.53 17.74
N ASP A 14 13.24 -2.59 19.01
CA ASP A 14 13.47 -1.44 19.90
C ASP A 14 14.96 -1.20 20.11
N LEU A 15 15.73 -2.27 20.29
CA LEU A 15 17.16 -2.12 20.53
C LEU A 15 17.88 -1.62 19.29
N LEU A 16 17.50 -2.10 18.11
CA LEU A 16 18.06 -1.55 16.88
C LEU A 16 17.70 -0.08 16.73
N ARG A 17 16.48 0.28 17.11
CA ARG A 17 16.05 1.68 17.04
C ARG A 17 16.88 2.55 17.96
N LEU A 18 17.09 2.11 19.21
CA LEU A 18 17.88 2.90 20.15
C LEU A 18 19.32 3.05 19.66
N ASN A 19 19.87 2.00 19.04
CA ASN A 19 21.24 2.08 18.54
C ASN A 19 21.35 3.02 17.34
N MET A 20 20.34 3.04 16.47
CA MET A 20 20.37 3.97 15.35
C MET A 20 20.21 5.41 15.81
N ILE A 21 19.37 5.64 16.82
CA ILE A 21 19.27 6.98 17.41
C ILE A 21 20.62 7.43 17.96
N ALA A 22 21.30 6.52 18.67
CA ALA A 22 22.63 6.84 19.19
C ALA A 22 23.59 7.17 18.05
N GLY A 23 23.58 6.35 16.99
CA GLY A 23 24.44 6.62 15.85
C GLY A 23 24.12 7.95 15.19
N PHE A 24 22.84 8.28 15.07
CA PHE A 24 22.45 9.56 14.48
C PHE A 24 22.92 10.73 15.32
N GLY A 25 23.03 10.55 16.63
CA GLY A 25 23.48 11.62 17.50
C GLY A 25 24.89 12.11 17.20
N GLU A 26 25.68 11.31 16.48
CA GLU A 26 27.01 11.71 16.07
C GLU A 26 27.00 12.60 14.82
N TYR A 27 25.83 12.96 14.31
CA TYR A 27 25.71 13.77 13.12
C TYR A 27 24.74 14.93 13.37
N ASP A 28 24.67 15.84 12.40
CA ASP A 28 23.70 16.94 12.46
C ASP A 28 22.34 16.41 12.03
N MET A 29 21.73 15.65 12.93
CA MET A 29 20.43 15.04 12.73
C MET A 29 19.60 15.24 13.99
N GLU A 30 18.36 15.68 13.81
CA GLU A 30 17.45 15.92 14.92
C GLU A 30 16.32 14.91 14.89
N TYR A 31 16.01 14.32 16.04
CA TYR A 31 14.85 13.44 16.12
C TYR A 31 13.58 14.29 16.22
N ASP A 32 12.65 14.07 15.29
CA ASP A 32 11.40 14.81 15.26
C ASP A 32 10.36 13.91 14.60
N ASP A 33 9.36 13.48 15.37
CA ASP A 33 8.30 12.65 14.82
C ASP A 33 7.06 13.47 14.45
N VAL A 34 7.17 14.80 14.45
CA VAL A 34 6.07 15.65 14.01
C VAL A 34 6.28 16.02 12.55
N GLU A 35 7.44 16.62 12.24
CA GLU A 35 7.80 16.97 10.87
C GLU A 35 9.12 16.31 10.46
N PRO A 36 9.20 14.98 10.46
CA PRO A 36 10.42 14.33 9.96
C PRO A 36 10.51 14.44 8.45
N GLU A 37 11.74 14.43 7.95
CA GLU A 37 12.00 14.28 6.54
C GLU A 37 12.46 12.88 6.17
N ILE A 38 12.91 12.10 7.16
CA ILE A 38 13.28 10.70 6.98
C ILE A 38 12.51 9.90 8.00
N VAL A 39 11.78 8.88 7.53
CA VAL A 39 11.03 7.98 8.39
C VAL A 39 11.59 6.59 8.19
N ILE A 40 12.25 6.06 9.22
CA ILE A 40 12.82 4.72 9.20
C ILE A 40 11.88 3.80 9.95
N SER A 41 11.55 2.67 9.34
CA SER A 41 10.63 1.67 9.89
C SER A 41 11.41 0.41 10.18
N ILE A 42 11.30 -0.09 11.41
CA ILE A 42 12.05 -1.25 11.86
C ILE A 42 11.05 -2.32 12.29
N GLY A 43 11.00 -3.40 11.53
CA GLY A 43 10.09 -4.50 11.82
C GLY A 43 9.79 -5.32 10.59
N GLY A 44 8.58 -5.21 10.07
CA GLY A 44 8.23 -5.87 8.83
C GLY A 44 7.49 -4.93 7.90
N ASP A 45 6.90 -5.47 6.82
CA ASP A 45 6.12 -4.63 5.93
C ASP A 45 4.90 -4.05 6.65
N GLY A 46 4.36 -4.76 7.64
CA GLY A 46 3.25 -4.22 8.41
C GLY A 46 3.64 -2.99 9.20
N THR A 47 4.82 -3.03 9.84
CA THR A 47 5.33 -1.84 10.51
C THR A 47 5.50 -0.70 9.52
N PHE A 48 5.98 -1.01 8.31
CA PHE A 48 6.19 0.02 7.31
C PHE A 48 4.87 0.64 6.87
N LEU A 49 3.82 -0.17 6.75
CA LEU A 49 2.52 0.37 6.33
C LEU A 49 1.97 1.34 7.38
N SER A 50 2.19 1.06 8.66
CA SER A 50 1.75 1.99 9.69
C SER A 50 2.56 3.28 9.64
N ALA A 51 3.85 3.18 9.33
CA ALA A 51 4.67 4.38 9.18
C ALA A 51 4.17 5.26 8.04
N PHE A 52 3.92 4.64 6.87
CA PHE A 52 3.37 5.37 5.74
C PHE A 52 2.07 6.07 6.12
N HIS A 53 1.15 5.34 6.75
CA HIS A 53 -0.14 5.94 7.08
C HIS A 53 -0.05 6.91 8.25
N GLN A 54 0.96 6.78 9.11
CA GLN A 54 1.16 7.78 10.16
C GLN A 54 1.48 9.15 9.56
N TYR A 55 2.15 9.18 8.40
CA TYR A 55 2.66 10.41 7.83
C TYR A 55 2.14 10.66 6.41
N GLU A 56 0.95 10.17 6.08
CA GLU A 56 0.50 10.27 4.70
C GLU A 56 0.08 11.68 4.31
N GLU A 57 0.08 12.63 5.24
CA GLU A 57 -0.19 14.03 4.91
C GLU A 57 1.07 14.80 4.52
N ARG A 58 2.25 14.21 4.74
CA ARG A 58 3.52 14.83 4.39
C ARG A 58 4.34 13.91 3.48
N LEU A 59 3.65 13.26 2.54
CA LEU A 59 4.33 12.32 1.65
C LEU A 59 5.33 13.02 0.75
N ASP A 60 5.01 14.24 0.30
CA ASP A 60 5.89 14.97 -0.60
C ASP A 60 7.21 15.38 0.06
N GLU A 61 7.28 15.34 1.40
CA GLU A 61 8.45 15.85 2.11
C GLU A 61 9.18 14.77 2.90
N ILE A 62 8.90 13.49 2.64
CA ILE A 62 9.47 12.39 3.41
C ILE A 62 10.05 11.35 2.47
N ALA A 63 11.24 10.86 2.82
CA ALA A 63 11.81 9.66 2.21
C ALA A 63 11.73 8.53 3.24
N PHE A 64 11.16 7.40 2.84
CA PHE A 64 10.95 6.27 3.73
C PHE A 64 12.05 5.23 3.56
N ILE A 65 12.35 4.54 4.66
CA ILE A 65 13.29 3.41 4.66
C ILE A 65 12.73 2.32 5.56
N GLY A 66 12.80 1.08 5.11
CA GLY A 66 12.41 -0.05 5.93
C GLY A 66 13.53 -1.01 6.23
N ILE A 67 13.65 -1.41 7.50
CA ILE A 67 14.58 -2.44 7.93
C ILE A 67 13.76 -3.63 8.42
N HIS A 68 14.06 -4.82 7.91
CA HIS A 68 13.36 -6.03 8.34
C HIS A 68 14.18 -6.72 9.42
N THR A 69 13.61 -6.83 10.61
CA THR A 69 14.20 -7.65 11.67
C THR A 69 13.75 -9.09 11.61
N GLY A 70 12.72 -9.39 10.81
CA GLY A 70 12.38 -10.77 10.50
C GLY A 70 12.80 -11.10 9.09
N HIS A 71 11.91 -11.75 8.33
CA HIS A 71 12.23 -12.10 6.96
C HIS A 71 12.13 -10.88 6.05
N LEU A 72 12.79 -10.97 4.91
CA LEU A 72 12.80 -9.89 3.93
C LEU A 72 11.39 -9.44 3.58
N GLY A 73 11.16 -8.13 3.66
CA GLY A 73 9.92 -7.52 3.24
C GLY A 73 10.11 -6.78 1.92
N PHE A 74 8.99 -6.43 1.31
CA PHE A 74 9.06 -5.69 0.05
C PHE A 74 9.27 -4.20 0.27
N TYR A 75 8.86 -3.69 1.41
CA TYR A 75 9.19 -2.33 1.82
C TYR A 75 10.30 -2.30 2.86
N ALA A 76 10.32 -3.26 3.78
CA ALA A 76 11.41 -3.42 4.74
C ALA A 76 12.44 -4.38 4.14
N ASP A 77 13.28 -3.83 3.27
CA ASP A 77 14.15 -4.66 2.43
C ASP A 77 15.63 -4.47 2.74
N TRP A 78 15.96 -3.91 3.90
CA TRP A 78 17.35 -3.80 4.33
C TRP A 78 17.54 -4.56 5.63
N ARG A 79 18.68 -5.24 5.74
CA ARG A 79 18.95 -6.08 6.89
C ARG A 79 19.48 -5.26 8.07
N PRO A 80 19.28 -5.73 9.30
CA PRO A 80 19.76 -4.96 10.45
C PRO A 80 21.26 -4.73 10.47
N ALA A 81 22.04 -5.65 9.88
CA ALA A 81 23.49 -5.48 9.84
C ALA A 81 23.92 -4.27 9.02
N GLU A 82 23.04 -3.74 8.19
CA GLU A 82 23.36 -2.56 7.40
C GLU A 82 22.92 -1.26 8.08
N ALA A 83 22.41 -1.34 9.31
CA ALA A 83 21.86 -0.16 9.97
C ALA A 83 22.93 0.90 10.22
N ASP A 84 24.14 0.48 10.57
CA ASP A 84 25.22 1.45 10.78
C ASP A 84 25.57 2.16 9.48
N LYS A 85 25.72 1.41 8.38
CA LYS A 85 25.95 2.02 7.08
C LYS A 85 24.76 2.88 6.65
N LEU A 86 23.55 2.51 7.09
CA LEU A 86 22.38 3.30 6.78
C LEU A 86 22.42 4.66 7.48
N VAL A 87 22.77 4.65 8.78
CA VAL A 87 22.88 5.90 9.54
C VAL A 87 23.88 6.83 8.88
N LYS A 88 25.05 6.31 8.52
CA LYS A 88 26.09 7.09 7.87
C LYS A 88 25.56 7.79 6.62
N LEU A 89 24.98 7.02 5.71
CA LEU A 89 24.59 7.56 4.41
C LEU A 89 23.36 8.46 4.50
N LEU A 90 22.43 8.13 5.40
CA LEU A 90 21.30 9.03 5.64
C LEU A 90 21.75 10.37 6.21
N ALA A 91 22.82 10.36 7.01
CA ALA A 91 23.30 11.59 7.64
C ALA A 91 23.88 12.55 6.60
N LYS A 92 24.78 12.05 5.75
CA LYS A 92 25.31 12.87 4.66
C LYS A 92 24.19 13.38 3.78
N GLY A 93 23.29 12.49 3.37
CA GLY A 93 22.11 12.92 2.65
C GLY A 93 22.32 13.31 1.20
N GLU A 94 23.20 12.60 0.50
CA GLU A 94 23.31 12.73 -0.96
C GLU A 94 22.71 11.52 -1.66
N TYR A 95 21.98 10.68 -0.93
CA TYR A 95 21.27 9.54 -1.49
C TYR A 95 20.26 10.00 -2.54
N GLN A 96 19.75 9.05 -3.29
CA GLN A 96 18.73 9.33 -4.29
C GLN A 96 17.39 8.77 -3.83
N LYS A 97 16.34 9.12 -4.55
CA LYS A 97 14.97 8.74 -4.18
C LYS A 97 14.30 8.04 -5.36
N VAL A 98 13.50 7.03 -5.04
CA VAL A 98 12.63 6.37 -6.01
C VAL A 98 11.21 6.49 -5.50
N SER A 99 10.27 6.64 -6.43
CA SER A 99 8.87 6.89 -6.10
C SER A 99 8.00 5.77 -6.64
N TYR A 100 7.05 5.31 -5.81
CA TYR A 100 6.08 4.31 -6.18
C TYR A 100 4.68 4.92 -6.27
N PRO A 101 3.82 4.43 -7.17
CA PRO A 101 2.47 4.97 -7.27
C PRO A 101 1.60 4.51 -6.11
N LEU A 102 0.54 5.27 -5.87
CA LEU A 102 -0.40 5.01 -4.79
C LEU A 102 -1.82 4.97 -5.34
N LEU A 103 -2.72 4.38 -4.57
CA LEU A 103 -4.12 4.22 -4.95
C LEU A 103 -5.00 5.15 -4.12
N LYS A 104 -5.84 5.91 -4.80
CA LYS A 104 -6.78 6.82 -4.15
C LYS A 104 -8.16 6.17 -4.15
N THR A 105 -8.75 6.01 -2.97
CA THR A 105 -10.10 5.50 -2.81
C THR A 105 -10.99 6.64 -2.32
N THR A 106 -12.13 6.82 -2.99
CA THR A 106 -13.12 7.80 -2.57
C THR A 106 -14.41 7.06 -2.22
N VAL A 107 -14.96 7.37 -1.05
CA VAL A 107 -16.18 6.75 -0.56
C VAL A 107 -17.22 7.85 -0.39
N LYS A 108 -18.34 7.73 -1.11
CA LYS A 108 -19.41 8.70 -1.07
C LYS A 108 -20.62 8.13 -0.34
N TYR A 109 -21.26 8.97 0.46
CA TYR A 109 -22.47 8.63 1.20
C TYR A 109 -23.61 9.55 0.77
N GLY A 110 -24.70 9.51 1.52
CA GLY A 110 -25.83 10.39 1.30
C GLY A 110 -26.31 11.07 2.56
N LYS A 114 -21.92 13.22 1.51
CA LYS A 114 -20.67 13.28 2.25
C LYS A 114 -19.62 12.42 1.54
N GLU A 115 -18.35 12.61 1.90
CA GLU A 115 -17.27 11.99 1.13
C GLU A 115 -16.03 11.83 1.98
N ALA A 116 -15.34 10.70 1.79
CA ALA A 116 -14.07 10.42 2.44
C ALA A 116 -13.10 9.83 1.43
N THR A 117 -11.83 10.25 1.51
CA THR A 117 -10.79 9.77 0.61
C THR A 117 -9.68 9.11 1.41
N TYR A 118 -9.06 8.10 0.81
CA TYR A 118 -8.00 7.32 1.44
C TYR A 118 -6.92 7.00 0.42
N LEU A 119 -5.68 6.94 0.90
CA LEU A 119 -4.54 6.50 0.11
C LEU A 119 -4.14 5.09 0.55
N ALA A 120 -3.96 4.20 -0.41
CA ALA A 120 -3.44 2.86 -0.14
C ALA A 120 -2.06 2.71 -0.75
N LEU A 121 -1.16 2.07 0.01
CA LEU A 121 0.14 1.66 -0.51
C LEU A 121 0.13 0.25 -1.07
N ASN A 122 -0.67 -0.63 -0.47
CA ASN A 122 -0.84 -1.98 -1.01
C ASN A 122 -2.12 -2.07 -1.84
N GLU A 123 -3.27 -1.96 -1.20
CA GLU A 123 -4.53 -2.20 -1.88
C GLU A 123 -5.69 -1.67 -1.05
N SER A 124 -6.85 -1.53 -1.70
CA SER A 124 -8.12 -1.30 -1.05
C SER A 124 -9.09 -2.38 -1.51
N THR A 125 -9.81 -2.99 -0.57
CA THR A 125 -10.73 -4.08 -0.88
C THR A 125 -12.12 -3.73 -0.40
N VAL A 126 -13.13 -4.29 -1.09
CA VAL A 126 -14.52 -4.10 -0.74
C VAL A 126 -15.17 -5.46 -0.56
N LYS A 127 -15.84 -5.66 0.57
CA LYS A 127 -16.62 -6.87 0.83
C LYS A 127 -17.95 -6.43 1.44
N SER A 128 -18.89 -7.38 1.55
CA SER A 128 -20.19 -7.06 2.09
C SER A 128 -20.21 -7.26 3.61
N SER A 129 -21.16 -6.58 4.26
CA SER A 129 -21.30 -6.62 5.71
C SER A 129 -22.23 -7.75 6.13
N GLY A 130 -21.79 -8.97 5.85
CA GLY A 130 -22.56 -10.15 6.22
C GLY A 130 -23.33 -10.76 5.06
N GLY A 131 -24.24 -9.99 4.47
CA GLY A 131 -25.07 -10.47 3.41
C GLY A 131 -24.34 -10.62 2.08
N PRO A 132 -25.08 -10.88 1.01
CA PRO A 132 -24.45 -11.06 -0.29
C PRO A 132 -23.84 -9.77 -0.82
N PHE A 133 -22.76 -9.92 -1.57
CA PHE A 133 -22.05 -8.78 -2.15
C PHE A 133 -22.40 -8.68 -3.63
N VAL A 134 -23.18 -7.65 -3.98
CA VAL A 134 -23.50 -7.35 -5.37
C VAL A 134 -23.20 -5.87 -5.59
N VAL A 135 -22.37 -5.56 -6.58
CA VAL A 135 -22.10 -4.19 -6.97
C VAL A 135 -22.07 -4.12 -8.49
N ASP A 136 -22.39 -2.93 -9.01
CA ASP A 136 -22.19 -2.64 -10.43
C ASP A 136 -20.83 -1.99 -10.61
N VAL A 137 -20.05 -2.52 -11.55
CA VAL A 137 -18.71 -2.03 -11.82
C VAL A 137 -18.76 -1.11 -13.02
N VAL A 138 -18.39 0.15 -12.81
CA VAL A 138 -18.46 1.19 -13.83
C VAL A 138 -17.04 1.67 -14.11
N ILE A 139 -16.64 1.63 -15.38
CA ILE A 139 -15.30 2.03 -15.80
C ILE A 139 -15.44 3.26 -16.68
N ASN A 140 -14.96 4.41 -16.18
CA ASN A 140 -15.04 5.67 -16.91
C ASN A 140 -16.46 5.94 -17.39
N ASP A 141 -17.41 5.84 -16.46
CA ASP A 141 -18.84 6.09 -16.66
C ASP A 141 -19.51 5.02 -17.53
N ILE A 142 -18.80 3.96 -17.90
CA ILE A 142 -19.34 2.87 -18.71
C ILE A 142 -19.65 1.70 -17.78
N HIS A 143 -20.90 1.23 -17.77
CA HIS A 143 -21.22 0.06 -16.97
CA HIS A 143 -21.23 0.07 -16.97
C HIS A 143 -20.54 -1.16 -17.56
N PHE A 144 -19.67 -1.79 -16.77
CA PHE A 144 -18.86 -2.90 -17.23
C PHE A 144 -19.39 -4.27 -16.85
N GLU A 145 -19.81 -4.44 -15.60
CA GLU A 145 -20.28 -5.76 -15.16
C GLU A 145 -21.04 -5.58 -13.87
N ARG A 146 -21.90 -6.57 -13.58
CA ARG A 146 -22.55 -6.70 -12.28
C ARG A 146 -21.85 -7.85 -11.56
N PHE A 147 -21.13 -7.51 -10.49
CA PHE A 147 -20.31 -8.48 -9.78
C PHE A 147 -21.07 -9.02 -8.58
N ARG A 148 -21.20 -10.35 -8.52
CA ARG A 148 -21.68 -11.03 -7.32
C ARG A 148 -20.63 -12.04 -6.87
N GLY A 149 -20.27 -11.97 -5.61
CA GLY A 149 -19.21 -12.82 -5.07
C GLY A 149 -18.83 -12.37 -3.68
N ASP A 150 -17.58 -12.66 -3.31
CA ASP A 150 -17.10 -12.29 -1.99
C ASP A 150 -16.66 -10.84 -1.92
N GLY A 151 -16.08 -10.31 -2.98
CA GLY A 151 -15.62 -8.93 -2.96
C GLY A 151 -14.61 -8.67 -4.06
N LEU A 152 -14.04 -7.47 -4.00
CA LEU A 152 -13.12 -6.97 -5.02
C LEU A 152 -11.91 -6.33 -4.35
N CYS A 153 -10.79 -6.33 -5.07
CA CYS A 153 -9.52 -5.81 -4.54
C CYS A 153 -8.85 -4.95 -5.61
N MET A 154 -8.51 -3.73 -5.26
CA MET A 154 -7.80 -2.81 -6.15
C MET A 154 -6.41 -2.57 -5.58
N SER A 155 -5.39 -2.95 -6.34
CA SER A 155 -4.01 -2.99 -5.86
C SER A 155 -3.15 -1.94 -6.57
N THR A 156 -2.22 -1.34 -5.83
CA THR A 156 -1.16 -0.57 -6.43
C THR A 156 -0.16 -1.53 -7.08
N PRO A 157 0.82 -1.01 -7.85
CA PRO A 157 1.87 -1.91 -8.37
C PRO A 157 2.67 -2.61 -7.28
N SER A 158 3.17 -1.89 -6.28
CA SER A 158 3.90 -2.56 -5.21
C SER A 158 2.96 -3.40 -4.35
N GLY A 159 1.67 -3.13 -4.38
CA GLY A 159 0.70 -3.99 -3.73
C GLY A 159 0.48 -5.32 -4.40
N THR A 160 0.92 -5.48 -5.65
CA THR A 160 0.58 -6.68 -6.40
C THR A 160 1.20 -7.95 -5.83
N THR A 161 2.31 -7.83 -5.08
CA THR A 161 2.91 -9.00 -4.45
C THR A 161 2.18 -9.43 -3.18
N ALA A 162 1.17 -8.68 -2.77
CA ALA A 162 0.50 -8.90 -1.49
C ALA A 162 -0.85 -9.58 -1.74
N TYR A 163 -1.97 -9.06 -1.22
CA TYR A 163 -3.28 -9.68 -1.39
C TYR A 163 -3.58 -9.99 -2.85
N ASN A 164 -3.27 -9.03 -3.74
CA ASN A 164 -3.48 -9.21 -5.18
C ASN A 164 -2.89 -10.52 -5.68
N LYS A 165 -1.71 -10.89 -5.20
CA LYS A 165 -1.07 -12.13 -5.67
C LYS A 165 -1.88 -13.34 -5.25
N SER A 166 -2.39 -13.36 -4.01
CA SER A 166 -3.17 -14.49 -3.53
C SER A 166 -4.47 -14.65 -4.30
N LEU A 167 -4.97 -13.59 -4.93
CA LEU A 167 -6.20 -13.64 -5.71
C LEU A 167 -5.95 -13.95 -7.18
N GLY A 168 -4.71 -14.27 -7.56
CA GLY A 168 -4.40 -14.59 -8.94
C GLY A 168 -4.03 -13.42 -9.80
N GLY A 169 -3.84 -12.24 -9.21
CA GLY A 169 -3.46 -11.08 -10.00
C GLY A 169 -2.01 -11.15 -10.46
N ALA A 170 -1.69 -10.27 -11.41
CA ALA A 170 -0.33 -10.21 -11.93
C ALA A 170 0.55 -9.35 -11.03
N LEU A 171 1.84 -9.68 -11.02
CA LEU A 171 2.84 -8.84 -10.39
C LEU A 171 3.30 -7.81 -11.42
N MET A 172 3.19 -6.53 -11.09
CA MET A 172 3.64 -5.49 -12.01
C MET A 172 4.76 -4.67 -11.39
N HIS A 173 5.74 -4.34 -12.21
CA HIS A 173 6.85 -3.52 -11.78
C HIS A 173 6.34 -2.16 -11.32
N PRO A 174 6.76 -1.67 -10.15
CA PRO A 174 6.17 -0.45 -9.60
C PRO A 174 6.57 0.82 -10.32
N SER A 175 7.36 0.75 -11.40
CA SER A 175 7.54 1.93 -12.24
C SER A 175 6.37 2.19 -13.16
N ILE A 176 5.41 1.26 -13.20
CA ILE A 176 4.21 1.40 -14.02
C ILE A 176 3.13 2.09 -13.21
N GLU A 177 2.64 3.23 -13.71
CA GLU A 177 1.61 3.99 -13.01
C GLU A 177 0.25 3.38 -13.36
N ALA A 178 -0.22 2.48 -12.50
CA ALA A 178 -1.42 1.71 -12.79
C ALA A 178 -2.03 1.21 -11.50
N MET A 179 -3.22 0.63 -11.62
CA MET A 179 -3.87 -0.10 -10.54
C MET A 179 -4.50 -1.35 -11.13
N GLN A 180 -4.65 -2.38 -10.30
CA GLN A 180 -5.10 -3.69 -10.77
C GLN A 180 -6.28 -4.16 -9.93
N LEU A 181 -7.36 -4.57 -10.61
CA LEU A 181 -8.59 -5.01 -9.96
C LEU A 181 -8.71 -6.52 -10.08
N THR A 182 -8.83 -7.20 -8.95
CA THR A 182 -8.97 -8.65 -8.92
C THR A 182 -10.27 -9.03 -8.21
N GLU A 183 -10.84 -10.16 -8.60
CA GLU A 183 -12.08 -10.66 -8.04
C GLU A 183 -11.81 -11.64 -6.90
N MET A 184 -12.70 -11.63 -5.91
CA MET A 184 -12.73 -12.65 -4.86
C MET A 184 -13.98 -13.50 -5.06
N ALA A 185 -13.78 -14.74 -5.52
CA ALA A 185 -14.83 -15.77 -5.56
C ALA A 185 -16.10 -15.25 -6.25
N SER A 186 -15.98 -14.97 -7.54
CA SER A 186 -17.12 -14.49 -8.31
C SER A 186 -18.05 -15.63 -8.70
N ILE A 187 -19.35 -15.36 -8.62
CA ILE A 187 -20.35 -16.28 -9.14
C ILE A 187 -20.47 -16.08 -10.64
N ASN A 188 -20.36 -17.18 -11.39
CA ASN A 188 -20.52 -17.13 -12.84
C ASN A 188 -21.40 -18.27 -13.30
N ASN A 189 -22.52 -17.92 -13.92
CA ASN A 189 -23.40 -18.87 -14.59
C ASN A 189 -24.03 -18.18 -15.79
N ARG A 190 -25.25 -18.53 -16.15
CA ARG A 190 -26.00 -17.84 -17.19
C ARG A 190 -26.97 -16.82 -16.60
N VAL A 191 -26.66 -16.27 -15.44
CA VAL A 191 -27.45 -15.22 -14.79
C VAL A 191 -26.52 -14.09 -14.40
N TYR A 192 -25.49 -14.42 -13.61
CA TYR A 192 -24.43 -13.50 -13.26
C TYR A 192 -23.22 -13.77 -14.14
N ARG A 193 -22.50 -12.72 -14.49
CA ARG A 193 -21.39 -12.83 -15.44
C ARG A 193 -20.37 -11.76 -15.15
N THR A 194 -19.14 -12.17 -14.84
CA THR A 194 -18.03 -11.27 -14.59
C THR A 194 -16.89 -11.61 -15.54
N ILE A 195 -15.90 -10.71 -15.62
CA ILE A 195 -14.82 -10.88 -16.58
C ILE A 195 -13.85 -11.97 -16.11
N GLY A 196 -13.75 -12.18 -14.79
CA GLY A 196 -12.88 -13.19 -14.25
C GLY A 196 -11.44 -12.74 -14.17
N SER A 197 -10.91 -12.28 -15.30
CA SER A 197 -9.50 -11.91 -15.38
C SER A 197 -9.21 -10.69 -14.49
N PRO A 198 -8.01 -10.61 -13.91
CA PRO A 198 -7.57 -9.33 -13.34
C PRO A 198 -7.59 -8.25 -14.42
N LEU A 199 -7.87 -7.02 -14.01
CA LEU A 199 -7.92 -5.88 -14.90
C LEU A 199 -6.88 -4.86 -14.46
N VAL A 200 -6.08 -4.38 -15.40
CA VAL A 200 -5.03 -3.40 -15.12
C VAL A 200 -5.41 -2.08 -15.77
N PHE A 201 -5.51 -1.02 -14.96
CA PHE A 201 -5.98 0.30 -15.33
C PHE A 201 -4.85 1.32 -15.29
N PRO A 202 -4.76 2.21 -16.27
CA PRO A 202 -3.72 3.25 -16.25
C PRO A 202 -4.15 4.45 -15.41
N LYS A 203 -3.28 5.45 -15.33
CA LYS A 203 -3.65 6.71 -14.70
C LYS A 203 -4.87 7.32 -15.39
N HIS A 204 -5.64 8.07 -14.62
CA HIS A 204 -6.80 8.86 -15.02
C HIS A 204 -8.02 8.02 -15.34
N HIS A 205 -7.90 6.69 -15.37
CA HIS A 205 -9.08 5.85 -15.45
C HIS A 205 -9.73 5.74 -14.08
N VAL A 206 -11.05 5.75 -14.06
CA VAL A 206 -11.82 5.75 -12.82
C VAL A 206 -12.70 4.51 -12.81
N VAL A 207 -12.50 3.65 -11.81
CA VAL A 207 -13.37 2.51 -11.58
C VAL A 207 -14.29 2.84 -10.42
N SER A 208 -15.59 2.71 -10.66
CA SER A 208 -16.62 3.06 -9.69
C SER A 208 -17.41 1.81 -9.34
N LEU A 209 -17.62 1.58 -8.04
CA LEU A 209 -18.45 0.49 -7.55
C LEU A 209 -19.75 1.06 -7.01
N GLN A 210 -20.88 0.54 -7.50
CA GLN A 210 -22.17 1.10 -7.15
C GLN A 210 -23.07 0.01 -6.58
N PRO A 211 -23.73 0.27 -5.45
CA PRO A 211 -24.57 -0.76 -4.82
C PRO A 211 -25.78 -1.09 -5.68
N VAL A 212 -26.18 -2.35 -5.64
CA VAL A 212 -27.39 -2.81 -6.29
C VAL A 212 -28.56 -2.85 -5.31
N ASN A 213 -28.36 -3.51 -4.16
CA ASN A 213 -29.39 -3.52 -3.12
C ASN A 213 -28.85 -3.02 -1.79
N ASP A 214 -28.11 -3.86 -1.07
CA ASP A 214 -27.56 -3.45 0.21
C ASP A 214 -26.47 -2.42 0.02
N LYS A 215 -26.44 -1.42 0.89
CA LYS A 215 -25.53 -0.29 0.76
C LYS A 215 -24.49 -0.24 1.89
N ASP A 216 -24.35 -1.31 2.66
CA ASP A 216 -23.37 -1.39 3.73
C ASP A 216 -22.23 -2.32 3.30
N PHE A 217 -21.00 -1.84 3.41
CA PHE A 217 -19.84 -2.59 2.95
C PHE A 217 -18.71 -2.51 3.97
N GLN A 218 -17.91 -3.57 4.03
CA GLN A 218 -16.67 -3.57 4.79
C GLN A 218 -15.55 -3.18 3.83
N ILE A 219 -14.98 -1.99 4.03
CA ILE A 219 -13.94 -1.47 3.15
C ILE A 219 -12.62 -1.47 3.90
N SER A 220 -11.59 -2.02 3.27
CA SER A 220 -10.24 -2.06 3.84
C SER A 220 -9.32 -1.18 3.01
N VAL A 221 -8.40 -0.51 3.69
CA VAL A 221 -7.31 0.23 3.05
C VAL A 221 -6.04 -0.19 3.74
N ASP A 222 -5.20 -0.96 3.04
CA ASP A 222 -4.01 -1.57 3.63
C ASP A 222 -4.46 -2.37 4.85
N HIS A 223 -3.89 -2.12 6.05
CA HIS A 223 -4.25 -2.93 7.21
CA HIS A 223 -4.25 -2.93 7.21
C HIS A 223 -5.57 -2.50 7.86
N LEU A 224 -6.12 -1.34 7.50
CA LEU A 224 -7.27 -0.77 8.18
C LEU A 224 -8.57 -1.19 7.48
N SER A 225 -9.47 -1.83 8.23
CA SER A 225 -10.76 -2.29 7.73
C SER A 225 -11.86 -1.76 8.63
N ILE A 226 -12.83 -1.03 8.05
CA ILE A 226 -13.92 -0.44 8.79
C ILE A 226 -15.23 -0.60 8.01
N LEU A 227 -16.32 -0.77 8.76
CA LEU A 227 -17.64 -0.87 8.16
C LEU A 227 -18.13 0.52 7.77
N HIS A 228 -18.50 0.68 6.50
CA HIS A 228 -19.07 1.91 5.98
C HIS A 228 -20.55 1.71 5.72
N ARG A 229 -21.37 2.66 6.18
CA ARG A 229 -22.82 2.57 6.03
C ARG A 229 -23.33 3.67 5.10
N ASP A 230 -24.48 3.40 4.48
CA ASP A 230 -25.13 4.34 3.57
C ASP A 230 -24.20 4.75 2.43
N VAL A 231 -23.50 3.77 1.85
CA VAL A 231 -22.53 4.04 0.81
C VAL A 231 -23.26 4.17 -0.53
N GLN A 232 -22.96 5.24 -1.26
CA GLN A 232 -23.52 5.44 -2.59
C GLN A 232 -22.55 5.05 -3.71
N GLU A 233 -21.25 5.15 -3.46
CA GLU A 233 -20.27 4.92 -4.52
C GLU A 233 -18.88 4.76 -3.90
N ILE A 234 -18.08 3.88 -4.48
CA ILE A 234 -16.67 3.73 -4.17
C ILE A 234 -15.90 3.95 -5.46
N ARG A 235 -14.99 4.93 -5.46
CA ARG A 235 -14.25 5.30 -6.66
C ARG A 235 -12.76 5.01 -6.48
N TYR A 236 -12.17 4.36 -7.47
CA TYR A 236 -10.75 4.03 -7.47
C TYR A 236 -10.05 4.73 -8.63
N GLU A 237 -8.89 5.31 -8.35
CA GLU A 237 -8.03 5.84 -9.39
C GLU A 237 -6.61 5.91 -8.86
N VAL A 238 -5.66 5.89 -9.80
CA VAL A 238 -4.26 6.08 -9.41
C VAL A 238 -4.11 7.46 -8.80
N SER A 239 -3.50 7.52 -7.62
CA SER A 239 -3.32 8.80 -6.95
C SER A 239 -2.33 9.67 -7.72
N ALA A 240 -2.51 10.98 -7.58
CA ALA A 240 -1.48 11.92 -8.03
C ALA A 240 -0.31 11.97 -7.05
N LYS A 241 -0.50 11.49 -5.82
CA LYS A 241 0.55 11.43 -4.83
C LYS A 241 1.39 10.15 -5.00
N LYS A 242 2.62 10.22 -4.51
CA LYS A 242 3.55 9.10 -4.61
C LYS A 242 4.32 8.99 -3.30
N ILE A 243 4.70 7.77 -2.96
CA ILE A 243 5.57 7.53 -1.81
C ILE A 243 7.01 7.55 -2.26
N HIS A 244 7.86 8.22 -1.50
CA HIS A 244 9.28 8.36 -1.83
C HIS A 244 10.11 7.50 -0.89
N PHE A 245 11.02 6.73 -1.46
CA PHE A 245 11.96 5.91 -0.69
C PHE A 245 13.36 6.50 -0.82
N ALA A 246 14.11 6.48 0.27
CA ALA A 246 15.53 6.76 0.17
C ALA A 246 16.22 5.56 -0.46
N ARG A 247 17.01 5.82 -1.50
CA ARG A 247 17.70 4.78 -2.26
C ARG A 247 19.18 4.80 -1.87
N PHE A 248 19.64 3.73 -1.24
CA PHE A 248 21.02 3.65 -0.78
C PHE A 248 21.78 2.47 -1.39
N ARG A 249 21.13 1.70 -2.27
CA ARG A 249 21.77 0.58 -2.95
C ARG A 249 20.85 0.15 -4.08
N SER A 250 21.33 -0.77 -4.91
CA SER A 250 20.51 -1.39 -5.94
C SER A 250 19.94 -2.68 -5.39
N PHE A 251 18.62 -2.72 -5.21
CA PHE A 251 17.88 -3.93 -4.85
C PHE A 251 16.68 -3.98 -5.78
N PRO A 252 16.86 -4.55 -6.97
CA PRO A 252 15.79 -4.49 -7.99
C PRO A 252 14.53 -5.22 -7.55
N PHE A 253 13.39 -4.66 -7.98
CA PHE A 253 12.08 -5.24 -7.64
C PHE A 253 12.01 -6.72 -8.00
N TRP A 254 12.47 -7.09 -9.20
CA TRP A 254 12.34 -8.49 -9.62
C TRP A 254 13.25 -9.40 -8.81
N ARG A 255 14.42 -8.92 -8.40
CA ARG A 255 15.23 -9.69 -7.46
C ARG A 255 14.53 -9.81 -6.12
N ARG A 256 13.87 -8.74 -5.68
CA ARG A 256 13.11 -8.79 -4.44
C ARG A 256 11.96 -9.79 -4.54
N VAL A 257 11.32 -9.86 -5.71
CA VAL A 257 10.30 -10.89 -5.95
C VAL A 257 10.93 -12.27 -5.88
N HIS A 258 12.09 -12.43 -6.53
CA HIS A 258 12.79 -13.71 -6.53
C HIS A 258 13.14 -14.14 -5.11
N ASP A 259 13.70 -13.23 -4.32
CA ASP A 259 14.16 -13.59 -2.98
C ASP A 259 12.98 -13.94 -2.05
N SER A 260 11.80 -13.36 -2.30
CA SER A 260 10.66 -13.60 -1.43
C SER A 260 9.91 -14.87 -1.79
N PHE A 261 9.76 -15.14 -3.09
CA PHE A 261 8.89 -16.22 -3.53
C PHE A 261 9.62 -17.41 -4.16
N ILE A 262 10.85 -17.23 -4.61
CA ILE A 262 11.54 -18.32 -5.31
C ILE A 262 12.61 -18.91 -4.40
N GLU A 263 13.56 -18.08 -3.98
CA GLU A 263 14.67 -18.55 -3.17
C GLU A 263 15.52 -17.37 -2.71
N ASP A 264 16.08 -17.49 -1.51
CA ASP A 264 17.06 -16.53 -1.00
C ASP A 264 18.19 -17.23 -0.27
C1 CIT B . 14.02 -1.69 -10.08
O1 CIT B . 13.32 -2.62 -9.62
O2 CIT B . 14.75 -1.94 -11.06
C2 CIT B . 13.99 -0.30 -9.48
C3 CIT B . 14.13 -0.26 -7.96
O7 CIT B . 15.29 -1.05 -7.57
C4 CIT B . 14.31 1.18 -7.48
C5 CIT B . 15.72 1.67 -7.74
O3 CIT B . 15.94 2.48 -8.67
O4 CIT B . 16.67 1.27 -7.05
C6 CIT B . 12.89 -0.83 -7.28
O5 CIT B . 11.77 -0.33 -7.52
O6 CIT B . 12.98 -1.80 -6.51
C2 KF5 C . 4.18 -8.74 -0.32
C4 KF5 C . 3.38 -7.95 1.72
C5 KF5 C . 3.26 -6.66 1.24
C6 KF5 C . 3.62 -6.40 -0.08
C8 KF5 C . 2.63 -6.70 3.31
CAK KF5 C . 2.96 -9.14 3.85
CAM KF5 C . 2.94 -9.90 6.14
CAN KF5 C . 1.67 -10.74 5.88
CAO KF5 C . 1.70 -11.20 4.44
CAP KF5 C . 1.72 -9.97 3.54
N1 KF5 C . 4.09 -7.46 -0.87
N3 KF5 C . 3.84 -8.95 0.94
N6 KF5 C . 3.52 -5.17 -0.59
N7 KF5 C . 2.80 -5.91 2.24
N9 KF5 C . 2.99 -7.94 2.99
OAL KF5 C . 2.96 -8.76 5.26
CS MTA D . -0.39 -8.14 7.39
S5' MTA D . 0.02 -6.57 6.64
C5' MTA D . -1.50 -6.20 5.75
C4' MTA D . -1.44 -6.70 4.33
O4' MTA D . -1.66 -8.13 4.27
C2' MTA D . -2.71 -7.15 2.36
O2' MTA D . -1.98 -6.76 1.20
C3' MTA D . -2.57 -6.13 3.50
O3' MTA D . -2.27 -4.83 3.01
C1' MTA D . -2.12 -8.44 2.97
N9 MTA D . -3.06 -9.54 3.05
C8 MTA D . -4.25 -9.58 3.73
N7 MTA D . -4.94 -10.67 3.55
C5 MTA D . -4.16 -11.41 2.69
C6 MTA D . -4.33 -12.69 2.09
N6 MTA D . -5.40 -13.45 2.29
N1 MTA D . -3.36 -13.13 1.27
C2 MTA D . -2.28 -12.36 1.07
N3 MTA D . -2.01 -11.16 1.57
C4 MTA D . -2.98 -10.74 2.38
#